data_3FWW
#
_entry.id   3FWW
#
_cell.length_a   88.318
_cell.length_b   88.318
_cell.length_c   251.931
_cell.angle_alpha   90.00
_cell.angle_beta   90.00
_cell.angle_gamma   120.00
#
_symmetry.space_group_name_H-M   'P 63 2 2'
#
loop_
_entity.id
_entity.type
_entity.pdbx_description
1 polymer 'Bifunctional protein glmU'
2 water water
#
_entity_poly.entity_id   1
_entity_poly.type   'polypeptide(L)'
_entity_poly.pdbx_seq_one_letter_code
;MSNSSMSVVILAAGKGTRMYSDLPKVLHPLAGKPMVQHVIDAAMKLGAQHVHLVYGHGGELLKKTLADPSLNWVLQAEQL
GTGHAMQQAAPHFADDEDILMLYGDVPLISVDTLQRLLAAKPEGGIGLLTVKLDNPSGYGRIVRENGDVVGIVEHKDASD
AQREINEINTGILVANGRDLKRWLSLLDNNNAQGEFYITDIIALAHADGKKIATVHPTRLSEVEGVNNRLQLSALERVFQ
TEQAEKLLLAGVMLLDPSRFDLRGELTHGRDITIDTNVIIEGHVILGDRVRIGTGCVLKNCVIGDDSEISPYTVLEDARL
DANCTVGPFARLRPGAELAEGAHVGNFVEIKKARLGKGSKAGHLSYLGDAEIGAGVNIGAGTITCNYDGANKFKTIIGDD
VFVGSDTQLVAPVTVANGATIGAGTTVTRDVAENELVISRVKQVHIQGWKRPVKKK
;
_entity_poly.pdbx_strand_id   A
#
# COMPACT_ATOMS: atom_id res chain seq x y z
N SER A 4 -13.13 10.01 25.96
CA SER A 4 -13.25 8.90 26.90
C SER A 4 -12.09 7.92 26.74
N SER A 5 -12.27 6.70 27.23
CA SER A 5 -11.25 5.67 27.14
C SER A 5 -11.74 4.51 26.29
N MET A 6 -10.87 3.96 25.45
CA MET A 6 -11.26 2.91 24.51
C MET A 6 -10.08 2.07 24.02
N SER A 7 -10.23 0.76 24.05
CA SER A 7 -9.26 -0.16 23.45
C SER A 7 -9.91 -1.12 22.44
N VAL A 8 -9.08 -1.71 21.58
CA VAL A 8 -9.56 -2.66 20.58
C VAL A 8 -8.92 -4.04 20.73
N VAL A 9 -9.62 -5.06 20.26
CA VAL A 9 -9.05 -6.39 20.12
C VAL A 9 -9.23 -6.90 18.70
N ILE A 10 -8.13 -7.33 18.08
CA ILE A 10 -8.17 -7.87 16.74
C ILE A 10 -8.02 -9.38 16.78
N LEU A 11 -9.07 -10.09 16.37
CA LEU A 11 -9.04 -11.54 16.28
C LEU A 11 -8.43 -11.96 14.95
N ALA A 12 -7.45 -12.85 15.03
CA ALA A 12 -6.69 -13.24 13.85
C ALA A 12 -5.96 -14.56 14.11
N ALA A 13 -6.71 -15.58 14.49
CA ALA A 13 -6.11 -16.83 14.98
C ALA A 13 -6.42 -18.09 14.16
N GLY A 14 -7.47 -18.05 13.33
CA GLY A 14 -7.87 -19.20 12.55
C GLY A 14 -6.84 -19.70 11.55
N LYS A 15 -7.15 -20.81 10.87
CA LYS A 15 -6.28 -21.33 9.83
C LYS A 15 -6.80 -20.90 8.46
N GLY A 16 -6.02 -20.08 7.76
CA GLY A 16 -6.39 -19.64 6.43
C GLY A 16 -6.14 -20.72 5.39
N THR A 17 -6.59 -21.93 5.68
CA THR A 17 -6.37 -23.07 4.83
C THR A 17 -6.66 -22.82 3.36
N ARG A 18 -7.75 -22.10 3.09
CA ARG A 18 -8.19 -21.91 1.72
C ARG A 18 -7.43 -20.80 0.98
N MET A 19 -6.42 -20.25 1.66
CA MET A 19 -5.47 -19.32 1.06
C MET A 19 -4.33 -20.09 0.40
N TYR A 20 -4.18 -21.37 0.74
CA TYR A 20 -3.03 -22.18 0.32
C TYR A 20 -1.74 -21.37 0.32
N SER A 21 -1.29 -21.02 1.53
CA SER A 21 -0.21 -20.07 1.71
C SER A 21 0.69 -20.49 2.87
N ASP A 22 1.97 -20.10 2.81
CA ASP A 22 2.87 -20.32 3.94
C ASP A 22 2.92 -19.04 4.77
N LEU A 23 2.16 -18.04 4.33
CA LEU A 23 2.11 -16.75 5.01
C LEU A 23 0.79 -16.62 5.74
N PRO A 24 0.83 -16.24 7.02
CA PRO A 24 -0.37 -16.04 7.83
C PRO A 24 -1.36 -15.16 7.09
N LYS A 25 -2.61 -15.63 7.02
CA LYS A 25 -3.63 -14.96 6.23
C LYS A 25 -3.63 -13.43 6.39
N VAL A 26 -3.64 -12.97 7.63
CA VAL A 26 -3.84 -11.54 7.91
C VAL A 26 -2.70 -10.65 7.44
N LEU A 27 -1.55 -11.26 7.19
CA LEU A 27 -0.39 -10.53 6.68
C LEU A 27 -0.50 -10.28 5.17
N HIS A 28 -1.37 -11.04 4.51
CA HIS A 28 -1.58 -10.86 3.09
C HIS A 28 -2.03 -9.44 2.80
N PRO A 29 -1.45 -8.82 1.76
CA PRO A 29 -1.55 -7.39 1.52
C PRO A 29 -2.82 -7.01 0.77
N LEU A 30 -3.34 -5.83 1.10
CA LEU A 30 -4.43 -5.22 0.36
C LEU A 30 -3.93 -3.84 0.02
N ALA A 31 -3.86 -3.53 -1.26
CA ALA A 31 -3.16 -2.32 -1.73
C ALA A 31 -1.74 -2.24 -1.16
N GLY A 32 -1.06 -3.40 -1.16
CA GLY A 32 0.32 -3.49 -0.74
C GLY A 32 0.59 -3.36 0.75
N LYS A 33 -0.43 -3.57 1.57
CA LYS A 33 -0.19 -3.58 3.00
C LYS A 33 -1.07 -4.61 3.69
N PRO A 34 -0.49 -5.32 4.66
CA PRO A 34 -1.15 -6.38 5.41
C PRO A 34 -2.57 -6.04 5.81
N MET A 35 -3.49 -6.93 5.45
CA MET A 35 -4.88 -6.83 5.87
C MET A 35 -4.99 -6.29 7.30
N VAL A 36 -4.18 -6.86 8.21
CA VAL A 36 -4.25 -6.55 9.62
C VAL A 36 -3.77 -5.13 9.95
N GLN A 37 -2.97 -4.54 9.06
CA GLN A 37 -2.50 -3.19 9.29
C GLN A 37 -3.59 -2.17 9.00
N HIS A 38 -4.44 -2.46 8.02
CA HIS A 38 -5.64 -1.66 7.75
C HIS A 38 -6.49 -1.57 9.00
N VAL A 39 -6.63 -2.70 9.69
CA VAL A 39 -7.41 -2.76 10.91
C VAL A 39 -6.71 -2.01 12.04
N ILE A 40 -5.40 -2.17 12.15
CA ILE A 40 -4.64 -1.42 13.15
C ILE A 40 -4.79 0.07 12.87
N ASP A 41 -4.42 0.48 11.66
CA ASP A 41 -4.58 1.85 11.19
C ASP A 41 -5.89 2.46 11.65
N ALA A 42 -7.00 1.78 11.35
CA ALA A 42 -8.33 2.21 11.75
C ALA A 42 -8.45 2.38 13.27
N ALA A 43 -7.98 1.37 14.01
CA ALA A 43 -7.97 1.42 15.48
C ALA A 43 -7.22 2.65 15.99
N MET A 44 -6.07 2.93 15.38
CA MET A 44 -5.29 4.12 15.70
C MET A 44 -6.12 5.37 15.50
N LYS A 45 -6.88 5.39 14.40
CA LYS A 45 -7.72 6.55 14.08
C LYS A 45 -8.89 6.72 15.05
N LEU A 46 -9.24 5.66 15.78
CA LEU A 46 -10.30 5.76 16.79
C LEU A 46 -9.80 6.46 18.05
N GLY A 47 -8.50 6.39 18.27
CA GLY A 47 -7.91 6.86 19.50
C GLY A 47 -7.62 5.68 20.40
N ALA A 48 -7.81 4.48 19.85
CA ALA A 48 -7.54 3.24 20.57
C ALA A 48 -6.29 3.42 21.42
N GLN A 49 -6.47 3.33 22.74
CA GLN A 49 -5.39 3.52 23.69
C GLN A 49 -4.44 2.34 23.67
N HIS A 50 -5.01 1.15 23.53
CA HIS A 50 -4.21 -0.07 23.38
C HIS A 50 -4.86 -0.96 22.33
N VAL A 51 -4.04 -1.77 21.66
CA VAL A 51 -4.54 -2.73 20.67
C VAL A 51 -4.07 -4.14 21.02
N HIS A 52 -5.02 -5.02 21.28
CA HIS A 52 -4.69 -6.37 21.67
C HIS A 52 -4.92 -7.32 20.51
N LEU A 53 -3.86 -8.03 20.12
CA LEU A 53 -3.93 -8.87 18.95
C LEU A 53 -3.87 -10.35 19.34
N VAL A 54 -4.96 -11.07 19.06
CA VAL A 54 -5.04 -12.48 19.40
C VAL A 54 -4.76 -13.41 18.21
N TYR A 55 -3.75 -14.25 18.37
CA TYR A 55 -3.27 -15.11 17.29
C TYR A 55 -3.03 -16.52 17.82
N GLY A 56 -3.17 -17.50 16.92
CA GLY A 56 -2.85 -18.88 17.26
C GLY A 56 -1.49 -19.23 16.68
N HIS A 57 -1.49 -19.88 15.53
CA HIS A 57 -0.25 -20.18 14.83
C HIS A 57 0.21 -19.01 13.97
N GLY A 58 1.44 -19.09 13.46
CA GLY A 58 2.03 -18.02 12.68
C GLY A 58 2.66 -16.94 13.56
N GLY A 59 2.60 -17.18 14.87
CA GLY A 59 3.06 -16.22 15.86
C GLY A 59 4.33 -15.47 15.54
N GLU A 60 5.45 -16.18 15.45
CA GLU A 60 6.73 -15.52 15.34
C GLU A 60 6.81 -14.52 14.19
N LEU A 61 6.59 -14.97 12.95
CA LEU A 61 6.73 -14.07 11.82
C LEU A 61 5.55 -13.11 11.72
N LEU A 62 4.56 -13.29 12.60
CA LEU A 62 3.48 -12.33 12.69
C LEU A 62 4.03 -11.08 13.37
N LYS A 63 4.54 -11.27 14.58
CA LYS A 63 5.16 -10.19 15.34
C LYS A 63 6.44 -9.69 14.67
N LYS A 64 7.01 -10.52 13.80
CA LYS A 64 8.17 -10.11 13.03
C LYS A 64 7.72 -9.19 11.90
N THR A 65 6.97 -9.74 10.94
CA THR A 65 6.53 -8.98 9.78
C THR A 65 5.73 -7.74 10.21
N LEU A 66 5.28 -7.75 11.45
CA LEU A 66 4.70 -6.56 12.06
C LEU A 66 5.61 -6.08 13.17
N ALA A 67 6.57 -5.22 12.85
CA ALA A 67 7.38 -4.58 13.88
C ALA A 67 6.45 -4.05 14.96
N ASP A 68 5.99 -2.81 14.77
CA ASP A 68 4.92 -2.24 15.57
C ASP A 68 5.08 -2.51 17.07
N PRO A 69 6.21 -2.11 17.66
CA PRO A 69 6.50 -2.43 19.07
C PRO A 69 5.43 -1.91 20.03
N SER A 70 4.42 -1.22 19.50
CA SER A 70 3.38 -0.61 20.32
C SER A 70 2.25 -1.58 20.68
N LEU A 71 2.27 -2.75 20.05
CA LEU A 71 1.15 -3.68 20.14
C LEU A 71 1.23 -4.61 21.36
N ASN A 72 0.07 -5.03 21.85
CA ASN A 72 0.00 -6.03 22.92
C ASN A 72 -0.45 -7.39 22.39
N TRP A 73 0.52 -8.29 22.23
CA TRP A 73 0.27 -9.60 21.67
C TRP A 73 -0.37 -10.57 22.66
N VAL A 74 -1.23 -11.44 22.15
CA VAL A 74 -1.92 -12.41 23.00
C VAL A 74 -1.91 -13.80 22.38
N LEU A 75 -1.14 -14.70 22.97
CA LEU A 75 -1.04 -16.07 22.47
C LEU A 75 -2.35 -16.83 22.65
N GLN A 76 -2.45 -17.99 22.02
CA GLN A 76 -3.65 -18.81 22.11
C GLN A 76 -3.32 -20.28 21.89
N ALA A 77 -3.76 -21.13 22.83
CA ALA A 77 -3.52 -22.56 22.74
C ALA A 77 -3.47 -23.03 21.29
N GLU A 78 -4.64 -23.22 20.70
CA GLU A 78 -4.74 -23.66 19.32
C GLU A 78 -6.18 -23.58 18.81
N GLN A 79 -6.61 -22.37 18.47
CA GLN A 79 -7.96 -22.15 17.97
C GLN A 79 -8.92 -23.22 18.49
N LEU A 80 -9.62 -22.91 19.58
CA LEU A 80 -10.56 -23.83 20.17
C LEU A 80 -11.88 -23.14 20.50
N GLY A 81 -11.93 -21.83 20.27
CA GLY A 81 -13.14 -21.06 20.53
C GLY A 81 -12.94 -19.58 20.29
N THR A 82 -13.77 -19.01 19.43
CA THR A 82 -13.69 -17.60 19.10
C THR A 82 -14.00 -16.82 20.37
N GLY A 83 -14.85 -17.40 21.21
CA GLY A 83 -15.11 -16.87 22.52
C GLY A 83 -13.94 -17.15 23.43
N HIS A 84 -13.36 -18.35 23.29
CA HIS A 84 -12.19 -18.70 24.09
C HIS A 84 -11.10 -17.68 23.85
N ALA A 85 -10.90 -17.35 22.59
CA ALA A 85 -9.93 -16.33 22.21
C ALA A 85 -10.22 -15.05 22.99
N MET A 86 -11.47 -14.60 22.95
CA MET A 86 -11.89 -13.40 23.65
C MET A 86 -11.71 -13.49 25.16
N GLN A 87 -11.61 -14.72 25.68
CA GLN A 87 -11.31 -14.92 27.09
C GLN A 87 -9.84 -14.61 27.39
N GLN A 88 -8.97 -15.01 26.46
CA GLN A 88 -7.53 -14.88 26.64
C GLN A 88 -7.07 -13.43 26.79
N ALA A 89 -7.82 -12.51 26.20
CA ALA A 89 -7.51 -11.08 26.30
C ALA A 89 -8.37 -10.41 27.36
N ALA A 90 -9.32 -11.15 27.91
CA ALA A 90 -10.27 -10.60 28.89
C ALA A 90 -9.59 -9.98 30.10
N PRO A 91 -8.62 -10.69 30.70
CA PRO A 91 -7.90 -10.13 31.86
C PRO A 91 -7.11 -8.88 31.49
N HIS A 92 -7.11 -8.52 30.21
CA HIS A 92 -6.35 -7.37 29.75
C HIS A 92 -7.17 -6.09 29.57
N PHE A 93 -8.47 -6.16 29.87
CA PHE A 93 -9.35 -5.00 29.69
C PHE A 93 -9.56 -4.22 30.98
N ALA A 94 -9.15 -2.96 30.99
CA ALA A 94 -9.42 -2.07 32.11
C ALA A 94 -10.92 -1.86 32.24
N ASP A 95 -11.42 -1.86 33.48
CA ASP A 95 -12.85 -1.78 33.74
C ASP A 95 -13.48 -0.45 33.33
N ASP A 96 -12.66 0.59 33.22
CA ASP A 96 -13.15 1.93 32.88
C ASP A 96 -13.13 2.24 31.39
N GLU A 97 -12.62 1.31 30.59
CA GLU A 97 -12.50 1.54 29.15
C GLU A 97 -13.44 0.68 28.31
N ASP A 98 -13.91 1.25 27.20
CA ASP A 98 -14.66 0.47 26.22
C ASP A 98 -13.73 -0.46 25.45
N ILE A 99 -14.25 -1.64 25.09
CA ILE A 99 -13.47 -2.61 24.33
C ILE A 99 -14.17 -3.00 23.02
N LEU A 100 -13.59 -2.60 21.89
CA LEU A 100 -14.19 -2.93 20.60
C LEU A 100 -13.52 -4.14 19.96
N MET A 101 -14.31 -4.97 19.30
CA MET A 101 -13.81 -6.22 18.75
C MET A 101 -13.78 -6.23 17.22
N LEU A 102 -12.61 -6.45 16.64
CA LEU A 102 -12.45 -6.49 15.18
C LEU A 102 -11.71 -7.74 14.74
N TYR A 103 -11.80 -8.03 13.44
CA TYR A 103 -11.15 -9.20 12.87
C TYR A 103 -10.09 -8.81 11.86
N GLY A 104 -8.92 -9.43 11.97
CA GLY A 104 -7.78 -9.11 11.12
C GLY A 104 -7.99 -9.34 9.64
N ASP A 105 -8.98 -10.18 9.31
CA ASP A 105 -9.30 -10.47 7.91
C ASP A 105 -10.54 -9.73 7.37
N VAL A 106 -10.92 -8.65 8.07
CA VAL A 106 -11.95 -7.74 7.57
C VAL A 106 -11.38 -6.33 7.45
N PRO A 107 -10.56 -6.10 6.41
CA PRO A 107 -9.70 -4.91 6.30
C PRO A 107 -10.43 -3.61 5.98
N LEU A 108 -11.66 -3.69 5.46
CA LEU A 108 -12.31 -2.50 4.92
C LEU A 108 -13.24 -1.76 5.86
N ILE A 109 -13.34 -2.23 7.10
CA ILE A 109 -14.23 -1.60 8.09
C ILE A 109 -13.87 -0.13 8.32
N SER A 110 -14.80 0.76 7.99
CA SER A 110 -14.54 2.19 8.09
C SER A 110 -14.65 2.72 9.51
N VAL A 111 -13.98 3.84 9.73
CA VAL A 111 -14.00 4.51 11.02
C VAL A 111 -15.41 4.99 11.38
N ASP A 112 -16.12 5.57 10.41
CA ASP A 112 -17.46 6.09 10.62
C ASP A 112 -18.38 5.02 11.21
N THR A 113 -18.26 3.82 10.65
CA THR A 113 -19.11 2.71 11.06
C THR A 113 -18.78 2.26 12.49
N LEU A 114 -17.50 2.36 12.86
CA LEU A 114 -17.07 2.05 14.22
C LEU A 114 -17.35 3.22 15.15
N GLN A 115 -17.10 4.42 14.66
CA GLN A 115 -17.45 5.64 15.40
C GLN A 115 -18.94 5.98 15.20
N ARG A 116 -19.75 4.94 15.04
CA ARG A 116 -21.18 5.04 15.25
C ARG A 116 -21.48 3.96 16.26
N LEU A 117 -20.83 2.82 16.06
CA LEU A 117 -20.94 1.70 16.97
C LEU A 117 -20.64 2.15 18.40
N LEU A 118 -19.65 3.03 18.54
CA LEU A 118 -19.19 3.48 19.84
C LEU A 118 -20.11 4.53 20.43
N ALA A 119 -21.06 4.99 19.62
CA ALA A 119 -22.01 5.99 20.08
C ALA A 119 -23.33 5.35 20.43
N ALA A 120 -23.66 4.25 19.74
CA ALA A 120 -24.91 3.55 19.99
C ALA A 120 -24.76 2.47 21.05
N LYS A 121 -23.64 2.48 21.75
CA LYS A 121 -23.45 1.57 22.88
C LYS A 121 -24.23 2.06 24.10
N PRO A 122 -25.19 1.24 24.58
CA PRO A 122 -25.98 1.52 25.77
C PRO A 122 -25.17 1.30 27.05
N GLU A 123 -25.10 2.30 27.93
CA GLU A 123 -24.38 2.18 29.19
C GLU A 123 -24.58 0.79 29.79
N GLY A 124 -23.46 0.15 30.14
CA GLY A 124 -23.49 -1.21 30.62
C GLY A 124 -24.12 -2.14 29.61
N GLY A 125 -23.63 -2.11 28.37
CA GLY A 125 -24.21 -2.91 27.31
C GLY A 125 -23.37 -3.01 26.05
N ILE A 126 -23.96 -3.59 25.01
CA ILE A 126 -23.26 -3.87 23.77
C ILE A 126 -23.71 -2.98 22.61
N GLY A 127 -22.75 -2.44 21.88
CA GLY A 127 -23.01 -1.85 20.58
C GLY A 127 -22.66 -2.91 19.55
N LEU A 128 -23.63 -3.30 18.72
CA LEU A 128 -23.42 -4.40 17.77
C LEU A 128 -23.64 -4.04 16.31
N LEU A 129 -22.61 -4.27 15.49
CA LEU A 129 -22.68 -4.02 14.06
C LEU A 129 -23.44 -5.14 13.31
N THR A 130 -24.38 -4.75 12.46
CA THR A 130 -25.20 -5.72 11.73
C THR A 130 -25.41 -5.35 10.25
N VAL A 131 -25.77 -6.34 9.44
CA VAL A 131 -26.11 -6.08 8.03
C VAL A 131 -27.20 -7.02 7.58
N LYS A 132 -28.19 -6.47 6.88
CA LYS A 132 -29.23 -7.28 6.27
C LYS A 132 -28.74 -7.76 4.92
N LEU A 133 -28.94 -9.04 4.64
CA LEU A 133 -28.39 -9.64 3.43
C LEU A 133 -29.44 -9.95 2.37
N ASP A 134 -29.04 -9.78 1.11
CA ASP A 134 -29.81 -10.26 -0.02
C ASP A 134 -30.12 -11.74 0.25
N ASN A 135 -29.07 -12.56 0.29
CA ASN A 135 -29.18 -13.98 0.58
C ASN A 135 -28.40 -14.31 1.85
N PRO A 136 -29.11 -14.58 2.96
CA PRO A 136 -28.47 -14.79 4.26
C PRO A 136 -28.21 -16.25 4.51
N SER A 137 -28.04 -17.02 3.44
CA SER A 137 -28.17 -18.47 3.47
C SER A 137 -27.03 -19.24 4.15
N GLY A 138 -26.44 -18.70 5.21
CA GLY A 138 -25.43 -19.45 5.94
C GLY A 138 -24.78 -18.75 7.13
N TYR A 139 -25.34 -17.61 7.52
CA TYR A 139 -24.74 -16.79 8.57
C TYR A 139 -25.54 -16.78 9.86
N GLY A 140 -25.12 -15.96 10.81
CA GLY A 140 -25.82 -15.81 12.07
C GLY A 140 -26.96 -14.83 11.97
N ARG A 141 -28.16 -15.25 12.36
CA ARG A 141 -29.33 -14.39 12.31
C ARG A 141 -29.39 -13.49 13.55
N ILE A 142 -29.82 -12.25 13.35
CA ILE A 142 -30.12 -11.37 14.46
C ILE A 142 -31.58 -11.56 14.88
N VAL A 143 -31.77 -12.11 16.08
CA VAL A 143 -33.10 -12.47 16.56
C VAL A 143 -33.73 -11.42 17.47
N ARG A 144 -34.68 -10.67 16.92
CA ARG A 144 -35.31 -9.58 17.65
C ARG A 144 -36.74 -9.90 18.06
N GLU A 145 -37.17 -9.33 19.19
CA GLU A 145 -38.54 -9.45 19.67
C GLU A 145 -39.11 -8.06 19.93
N ASN A 146 -40.03 -7.63 19.07
CA ASN A 146 -40.45 -6.23 18.98
C ASN A 146 -39.34 -5.34 18.44
N GLY A 147 -38.51 -5.90 17.57
CA GLY A 147 -37.38 -5.18 17.01
C GLY A 147 -36.25 -5.06 18.01
N ASP A 148 -36.33 -5.85 19.07
CA ASP A 148 -35.34 -5.81 20.14
C ASP A 148 -34.38 -6.98 20.09
N VAL A 149 -33.09 -6.67 20.03
CA VAL A 149 -32.06 -7.69 19.97
C VAL A 149 -32.03 -8.50 21.26
N VAL A 150 -32.16 -9.82 21.13
CA VAL A 150 -32.19 -10.71 22.28
C VAL A 150 -31.09 -11.78 22.23
N GLY A 151 -30.65 -12.11 21.02
CA GLY A 151 -29.61 -13.12 20.84
C GLY A 151 -29.38 -13.52 19.40
N ILE A 152 -28.23 -14.15 19.14
CA ILE A 152 -27.89 -14.58 17.78
C ILE A 152 -28.07 -16.08 17.55
N VAL A 153 -28.65 -16.41 16.39
CA VAL A 153 -28.87 -17.80 15.97
C VAL A 153 -27.93 -18.18 14.84
N GLU A 154 -27.17 -19.26 15.03
CA GLU A 154 -26.31 -19.76 13.97
C GLU A 154 -27.17 -20.34 12.85
N HIS A 155 -26.75 -20.14 11.60
CA HIS A 155 -27.51 -20.70 10.49
C HIS A 155 -27.79 -22.16 10.77
N LYS A 156 -26.80 -22.81 11.37
CA LYS A 156 -26.93 -24.20 11.81
C LYS A 156 -28.31 -24.46 12.41
N ASP A 157 -28.42 -24.29 13.72
CA ASP A 157 -29.70 -24.43 14.40
C ASP A 157 -30.60 -23.22 14.16
N ALA A 158 -31.25 -23.19 12.99
CA ALA A 158 -32.17 -22.13 12.63
C ALA A 158 -33.41 -22.71 11.95
N SER A 159 -34.56 -22.55 12.62
CA SER A 159 -35.84 -22.99 12.07
C SER A 159 -36.04 -22.38 10.69
N ASP A 160 -36.86 -23.03 9.87
CA ASP A 160 -37.19 -22.50 8.55
C ASP A 160 -37.70 -21.07 8.67
N ALA A 161 -38.37 -20.78 9.78
CA ALA A 161 -38.93 -19.47 10.03
C ALA A 161 -37.83 -18.43 10.30
N GLN A 162 -36.82 -18.83 11.06
CA GLN A 162 -35.68 -17.98 11.39
C GLN A 162 -34.82 -17.67 10.16
N ARG A 163 -34.64 -18.68 9.32
CA ARG A 163 -33.79 -18.59 8.14
C ARG A 163 -34.23 -17.45 7.21
N GLU A 164 -35.37 -16.85 7.52
CA GLU A 164 -35.88 -15.72 6.74
C GLU A 164 -35.34 -14.41 7.28
N ILE A 165 -34.76 -14.46 8.48
CA ILE A 165 -34.14 -13.27 9.08
C ILE A 165 -32.98 -12.80 8.22
N ASN A 166 -33.22 -11.75 7.43
CA ASN A 166 -32.21 -11.17 6.57
C ASN A 166 -30.99 -10.69 7.34
N GLU A 167 -31.25 -9.93 8.41
CA GLU A 167 -30.21 -9.28 9.18
C GLU A 167 -29.27 -10.27 9.87
N ILE A 168 -27.97 -10.05 9.72
CA ILE A 168 -26.96 -10.97 10.23
C ILE A 168 -25.84 -10.31 11.07
N ASN A 169 -25.09 -11.16 11.75
CA ASN A 169 -24.00 -10.76 12.62
C ASN A 169 -22.66 -10.55 11.89
N THR A 170 -22.11 -9.35 11.99
CA THR A 170 -20.79 -9.06 11.43
C THR A 170 -19.71 -9.60 12.36
N GLY A 171 -20.04 -9.78 13.63
CA GLY A 171 -19.10 -10.28 14.61
C GLY A 171 -18.35 -9.15 15.28
N ILE A 172 -18.64 -7.92 14.84
CA ILE A 172 -18.03 -6.72 15.42
C ILE A 172 -18.98 -6.09 16.44
N LEU A 173 -18.45 -5.74 17.60
CA LEU A 173 -19.28 -5.18 18.66
C LEU A 173 -18.47 -4.48 19.76
N VAL A 174 -19.17 -3.74 20.62
CA VAL A 174 -18.54 -3.03 21.72
C VAL A 174 -19.10 -3.47 23.06
N ALA A 175 -18.52 -2.92 24.14
CA ALA A 175 -18.96 -3.17 25.51
C ALA A 175 -17.93 -2.61 26.49
N ASN A 176 -18.38 -2.18 27.66
CA ASN A 176 -17.47 -1.74 28.71
C ASN A 176 -16.55 -2.89 29.15
N GLY A 177 -15.30 -2.55 29.45
CA GLY A 177 -14.32 -3.55 29.84
C GLY A 177 -14.71 -4.34 31.07
N ARG A 178 -15.28 -3.65 32.06
CA ARG A 178 -15.78 -4.30 33.26
C ARG A 178 -16.88 -5.28 32.89
N ASP A 179 -17.98 -4.75 32.36
CA ASP A 179 -19.12 -5.57 31.97
C ASP A 179 -18.68 -6.72 31.08
N LEU A 180 -17.74 -6.45 30.19
CA LEU A 180 -17.26 -7.44 29.24
C LEU A 180 -16.53 -8.59 29.94
N LYS A 181 -15.61 -8.26 30.85
CA LYS A 181 -14.95 -9.28 31.66
C LYS A 181 -16.01 -10.20 32.28
N ARG A 182 -17.08 -9.59 32.77
CA ARG A 182 -18.21 -10.32 33.34
C ARG A 182 -18.75 -11.35 32.35
N TRP A 183 -19.51 -10.86 31.38
CA TRP A 183 -20.24 -11.69 30.43
C TRP A 183 -19.42 -12.84 29.85
N LEU A 184 -18.10 -12.66 29.82
CA LEU A 184 -17.24 -13.63 29.18
C LEU A 184 -17.16 -14.95 29.94
N SER A 185 -16.33 -15.00 30.98
CA SER A 185 -16.06 -16.25 31.68
C SER A 185 -17.27 -16.81 32.42
N LEU A 186 -18.45 -16.60 31.87
CA LEU A 186 -19.67 -17.25 32.34
C LEU A 186 -20.33 -18.04 31.21
N LEU A 187 -19.51 -18.68 30.37
CA LEU A 187 -20.01 -19.41 29.20
C LEU A 187 -19.47 -20.85 29.08
N ASP A 188 -20.25 -21.71 28.43
CA ASP A 188 -19.96 -23.15 28.37
C ASP A 188 -19.34 -23.64 27.06
N ASN A 189 -18.99 -24.93 27.05
CA ASN A 189 -18.42 -25.57 25.87
C ASN A 189 -19.27 -26.73 25.36
N ASN A 190 -20.46 -26.89 25.91
CA ASN A 190 -21.37 -27.94 25.47
C ASN A 190 -22.31 -27.46 24.37
N GLN A 193 -20.19 -28.75 18.30
CA GLN A 193 -18.93 -28.28 17.74
C GLN A 193 -17.80 -28.40 18.77
N GLY A 194 -18.18 -28.41 20.05
CA GLY A 194 -17.23 -28.59 21.13
C GLY A 194 -16.63 -27.30 21.64
N GLU A 195 -16.76 -26.23 20.87
CA GLU A 195 -16.13 -24.95 21.21
C GLU A 195 -17.04 -24.03 22.00
N PHE A 196 -16.56 -22.82 22.26
CA PHE A 196 -17.34 -21.80 22.94
C PHE A 196 -17.70 -20.73 21.91
N TYR A 197 -18.99 -20.42 21.78
CA TYR A 197 -19.44 -19.43 20.82
C TYR A 197 -19.43 -18.03 21.42
N ILE A 198 -18.89 -17.07 20.68
CA ILE A 198 -18.91 -15.69 21.14
C ILE A 198 -20.33 -15.14 21.00
N THR A 199 -21.12 -15.80 20.16
CA THR A 199 -22.52 -15.45 19.94
C THR A 199 -23.29 -15.22 21.24
N ASP A 200 -23.03 -16.09 22.21
CA ASP A 200 -23.87 -16.22 23.40
C ASP A 200 -24.00 -14.97 24.25
N ILE A 201 -22.93 -14.19 24.36
CA ILE A 201 -22.93 -13.02 25.24
C ILE A 201 -24.00 -11.99 24.86
N ILE A 202 -24.79 -12.29 23.83
CA ILE A 202 -25.92 -11.44 23.46
C ILE A 202 -27.11 -11.77 24.36
N ALA A 203 -27.47 -13.05 24.40
CA ALA A 203 -28.54 -13.51 25.27
C ALA A 203 -28.10 -13.40 26.73
N LEU A 204 -26.82 -13.66 26.96
CA LEU A 204 -26.22 -13.55 28.29
C LEU A 204 -26.05 -12.09 28.71
N ALA A 205 -26.68 -11.20 27.95
CA ALA A 205 -26.67 -9.77 28.26
C ALA A 205 -28.10 -9.27 28.43
N HIS A 206 -28.99 -9.82 27.60
CA HIS A 206 -30.43 -9.61 27.78
C HIS A 206 -30.82 -10.39 29.04
N ALA A 207 -29.98 -11.36 29.39
CA ALA A 207 -30.16 -12.14 30.60
C ALA A 207 -30.25 -11.22 31.81
N ASP A 208 -29.15 -10.53 32.11
CA ASP A 208 -29.12 -9.58 33.22
C ASP A 208 -29.67 -8.19 32.84
N GLY A 209 -30.66 -8.19 31.97
CA GLY A 209 -31.44 -6.99 31.68
C GLY A 209 -30.67 -5.78 31.20
N LYS A 210 -29.83 -5.97 30.19
CA LYS A 210 -29.17 -4.85 29.53
C LYS A 210 -29.60 -4.77 28.07
N LYS A 211 -29.49 -3.59 27.48
CA LYS A 211 -29.95 -3.37 26.11
C LYS A 211 -28.79 -3.42 25.10
N ILE A 212 -28.98 -4.23 24.07
CA ILE A 212 -27.97 -4.37 23.01
C ILE A 212 -28.42 -3.66 21.73
N ALA A 213 -27.83 -2.50 21.47
CA ALA A 213 -28.16 -1.70 20.28
C ALA A 213 -27.38 -2.18 19.06
N THR A 214 -27.73 -1.65 17.88
CA THR A 214 -27.09 -2.05 16.63
C THR A 214 -27.02 -0.92 15.58
N VAL A 215 -25.85 -0.72 15.00
CA VAL A 215 -25.73 0.14 13.83
C VAL A 215 -25.29 -0.67 12.63
N HIS A 216 -25.51 -0.14 11.44
CA HIS A 216 -25.13 -0.84 10.22
C HIS A 216 -23.97 -0.14 9.56
N PRO A 217 -23.13 -0.90 8.84
CA PRO A 217 -22.10 -0.27 8.04
C PRO A 217 -22.76 0.32 6.81
N THR A 218 -22.16 1.36 6.25
CA THR A 218 -22.73 2.00 5.08
C THR A 218 -22.48 1.21 3.77
N ARG A 219 -21.41 0.43 3.74
CA ARG A 219 -21.10 -0.45 2.60
C ARG A 219 -20.94 -1.91 3.02
N LEU A 220 -21.45 -2.83 2.20
CA LEU A 220 -21.35 -4.26 2.50
C LEU A 220 -19.91 -4.71 2.60
N SER A 221 -19.03 -4.04 1.84
CA SER A 221 -17.64 -4.41 1.77
C SER A 221 -16.89 -4.15 3.07
N GLU A 222 -17.49 -3.35 3.96
CA GLU A 222 -16.84 -3.00 5.21
C GLU A 222 -16.72 -4.20 6.12
N VAL A 223 -17.58 -5.19 5.88
CA VAL A 223 -17.68 -6.35 6.75
C VAL A 223 -17.43 -7.65 5.98
N GLU A 224 -16.90 -7.50 4.78
CA GLU A 224 -16.47 -8.64 3.97
C GLU A 224 -15.22 -9.27 4.60
N GLY A 225 -15.27 -10.58 4.81
CA GLY A 225 -14.14 -11.28 5.38
C GLY A 225 -13.37 -11.99 4.29
N VAL A 226 -12.06 -12.09 4.46
CA VAL A 226 -11.22 -12.78 3.50
C VAL A 226 -10.85 -14.18 3.98
N ASN A 227 -11.27 -15.20 3.22
CA ASN A 227 -10.91 -16.59 3.48
C ASN A 227 -10.01 -17.14 2.38
N ASN A 228 -9.94 -16.42 1.27
CA ASN A 228 -9.21 -16.88 0.12
C ASN A 228 -8.83 -15.69 -0.74
N ARG A 229 -8.10 -15.96 -1.81
CA ARG A 229 -7.51 -14.90 -2.62
C ARG A 229 -8.52 -14.27 -3.56
N LEU A 230 -9.50 -15.04 -4.00
CA LEU A 230 -10.54 -14.48 -4.86
C LEU A 230 -11.27 -13.39 -4.09
N GLN A 231 -11.56 -13.67 -2.82
CA GLN A 231 -12.23 -12.71 -1.97
C GLN A 231 -11.36 -11.49 -1.78
N LEU A 232 -10.08 -11.72 -1.55
CA LEU A 232 -9.15 -10.62 -1.35
C LEU A 232 -9.06 -9.73 -2.61
N SER A 233 -8.96 -10.35 -3.78
CA SER A 233 -8.95 -9.59 -5.01
C SER A 233 -10.20 -8.74 -5.22
N ALA A 234 -11.35 -9.22 -4.76
CA ALA A 234 -12.56 -8.39 -4.90
C ALA A 234 -12.43 -7.14 -4.04
N LEU A 235 -11.93 -7.31 -2.81
CA LEU A 235 -11.69 -6.21 -1.90
C LEU A 235 -10.59 -5.27 -2.42
N GLU A 236 -9.61 -5.83 -3.10
CA GLU A 236 -8.60 -4.97 -3.71
C GLU A 236 -9.25 -4.02 -4.69
N ARG A 237 -10.06 -4.58 -5.59
CA ARG A 237 -10.76 -3.76 -6.57
C ARG A 237 -11.66 -2.71 -5.92
N VAL A 238 -12.42 -3.12 -4.89
CA VAL A 238 -13.24 -2.17 -4.19
C VAL A 238 -12.39 -1.03 -3.63
N PHE A 239 -11.34 -1.41 -2.92
CA PHE A 239 -10.43 -0.41 -2.35
C PHE A 239 -9.83 0.53 -3.40
N GLN A 240 -9.43 -0.01 -4.55
CA GLN A 240 -8.84 0.81 -5.61
C GLN A 240 -9.85 1.75 -6.29
N THR A 241 -11.07 1.29 -6.49
CA THR A 241 -12.14 2.11 -7.05
C THR A 241 -12.38 3.29 -6.11
N GLU A 242 -12.36 3.00 -4.82
CA GLU A 242 -12.60 4.03 -3.84
C GLU A 242 -11.50 5.09 -3.94
N GLN A 243 -10.26 4.67 -3.86
CA GLN A 243 -9.14 5.62 -3.95
C GLN A 243 -9.23 6.44 -5.23
N ALA A 244 -9.44 5.76 -6.35
CA ALA A 244 -9.52 6.42 -7.63
C ALA A 244 -10.59 7.51 -7.64
N GLU A 245 -11.76 7.21 -7.09
CA GLU A 245 -12.85 8.17 -7.07
C GLU A 245 -12.57 9.37 -6.18
N LYS A 246 -11.88 9.13 -5.08
CA LYS A 246 -11.42 10.21 -4.20
C LYS A 246 -10.43 11.15 -4.93
N LEU A 247 -9.57 10.61 -5.77
CA LEU A 247 -8.62 11.45 -6.50
C LEU A 247 -9.32 12.24 -7.61
N LEU A 248 -10.25 11.59 -8.30
CA LEU A 248 -11.09 12.26 -9.30
C LEU A 248 -11.90 13.43 -8.69
N LEU A 249 -12.51 13.18 -7.55
CA LEU A 249 -13.29 14.23 -6.90
C LEU A 249 -12.42 15.35 -6.34
N ALA A 250 -11.17 15.05 -6.02
CA ALA A 250 -10.22 16.06 -5.53
C ALA A 250 -9.42 16.75 -6.64
N GLY A 251 -9.72 16.42 -7.90
CA GLY A 251 -9.23 17.20 -9.02
C GLY A 251 -8.22 16.52 -9.94
N VAL A 252 -7.85 15.28 -9.63
CA VAL A 252 -6.94 14.56 -10.51
C VAL A 252 -7.71 13.87 -11.62
N MET A 253 -7.30 14.08 -12.86
CA MET A 253 -7.90 13.36 -13.99
C MET A 253 -7.24 11.98 -14.19
N LEU A 254 -8.03 10.93 -14.07
CA LEU A 254 -7.62 9.58 -14.40
C LEU A 254 -8.33 9.16 -15.69
N LEU A 255 -7.56 8.91 -16.75
CA LEU A 255 -8.14 8.55 -18.05
C LEU A 255 -8.91 7.21 -18.03
N ASP A 256 -8.63 6.39 -17.03
CA ASP A 256 -9.41 5.22 -16.75
C ASP A 256 -9.14 4.76 -15.34
N PRO A 257 -9.96 5.23 -14.39
CA PRO A 257 -9.90 4.92 -12.95
C PRO A 257 -10.01 3.43 -12.61
N SER A 258 -10.40 2.58 -13.57
CA SER A 258 -10.42 1.12 -13.33
C SER A 258 -9.09 0.44 -13.72
N ARG A 259 -8.18 1.24 -14.24
CA ARG A 259 -6.85 0.79 -14.61
C ARG A 259 -5.90 1.77 -13.95
N PHE A 260 -6.07 1.88 -12.64
CA PHE A 260 -5.27 2.74 -11.82
C PHE A 260 -5.10 2.04 -10.51
N ASP A 261 -3.91 2.13 -9.94
CA ASP A 261 -3.63 1.49 -8.68
C ASP A 261 -2.77 2.39 -7.80
N LEU A 262 -3.23 2.62 -6.57
CA LEU A 262 -2.45 3.35 -5.58
C LEU A 262 -2.14 2.41 -4.43
N ARG A 263 -0.86 2.19 -4.18
CA ARG A 263 -0.44 1.35 -3.08
C ARG A 263 0.45 2.19 -2.18
N GLY A 264 -0.18 3.10 -1.48
CA GLY A 264 0.51 4.04 -0.61
C GLY A 264 -0.24 5.35 -0.57
N GLU A 265 0.50 6.43 -0.83
CA GLU A 265 -0.05 7.77 -0.69
C GLU A 265 0.30 8.60 -1.89
N LEU A 266 -0.66 9.40 -2.34
CA LEU A 266 -0.41 10.32 -3.44
C LEU A 266 -0.79 11.75 -3.05
N THR A 267 0.22 12.59 -2.85
CA THR A 267 0.03 14.02 -2.67
C THR A 267 0.06 14.64 -4.06
N HIS A 268 -0.85 15.57 -4.30
CA HIS A 268 -0.94 16.10 -5.65
C HIS A 268 -1.37 17.54 -5.63
N GLY A 269 -0.97 18.25 -6.68
CA GLY A 269 -1.46 19.58 -6.93
C GLY A 269 -2.55 19.52 -7.97
N ARG A 270 -2.64 20.57 -8.76
CA ARG A 270 -3.83 20.86 -9.52
C ARG A 270 -3.64 20.51 -11.00
N ASP A 271 -4.69 20.00 -11.63
CA ASP A 271 -4.69 19.73 -13.08
C ASP A 271 -3.69 18.66 -13.54
N ILE A 272 -3.59 17.59 -12.75
CA ILE A 272 -2.74 16.47 -13.11
C ILE A 272 -3.49 15.47 -14.00
N THR A 273 -2.83 14.96 -15.03
CA THR A 273 -3.45 13.89 -15.80
C THR A 273 -2.66 12.59 -15.67
N ILE A 274 -3.38 11.53 -15.32
CA ILE A 274 -2.81 10.18 -15.31
C ILE A 274 -3.54 9.24 -16.27
N ASP A 275 -2.83 8.78 -17.28
CA ASP A 275 -3.36 7.89 -18.31
C ASP A 275 -3.49 6.47 -17.76
N THR A 276 -3.90 5.55 -18.63
CA THR A 276 -4.21 4.18 -18.20
C THR A 276 -3.03 3.40 -17.65
N ASN A 277 -3.34 2.50 -16.74
CA ASN A 277 -2.41 1.48 -16.30
C ASN A 277 -1.21 2.03 -15.59
N VAL A 278 -1.44 3.06 -14.79
CA VAL A 278 -0.41 3.60 -13.95
C VAL A 278 -0.54 3.01 -12.57
N ILE A 279 0.61 2.73 -11.97
CA ILE A 279 0.66 2.25 -10.60
C ILE A 279 1.48 3.23 -9.76
N ILE A 280 0.96 3.54 -8.58
CA ILE A 280 1.61 4.47 -7.68
C ILE A 280 1.93 3.73 -6.36
N GLU A 281 3.22 3.62 -6.04
CA GLU A 281 3.61 2.92 -4.83
C GLU A 281 4.34 3.85 -3.88
N GLY A 282 4.40 3.47 -2.61
CA GLY A 282 5.04 4.29 -1.59
C GLY A 282 4.35 5.63 -1.43
N HIS A 283 5.14 6.68 -1.32
CA HIS A 283 4.62 8.03 -1.28
C HIS A 283 5.06 8.83 -2.50
N VAL A 284 4.10 9.24 -3.34
CA VAL A 284 4.41 10.02 -4.52
C VAL A 284 3.85 11.44 -4.43
N ILE A 285 4.73 12.43 -4.65
CA ILE A 285 4.31 13.83 -4.71
C ILE A 285 4.36 14.34 -6.14
N LEU A 286 3.19 14.76 -6.66
CA LEU A 286 3.12 15.33 -8.00
C LEU A 286 2.69 16.79 -7.93
N GLY A 287 3.44 17.66 -8.62
CA GLY A 287 3.10 19.07 -8.69
C GLY A 287 1.94 19.40 -9.63
N ASP A 288 1.70 20.68 -9.85
CA ASP A 288 0.65 21.10 -10.77
C ASP A 288 0.98 20.66 -12.18
N ARG A 289 -0.07 20.31 -12.93
CA ARG A 289 0.00 20.17 -14.37
C ARG A 289 0.92 19.05 -14.89
N VAL A 290 1.26 18.11 -14.02
CA VAL A 290 2.01 16.93 -14.40
C VAL A 290 1.18 15.94 -15.25
N ARG A 291 1.82 15.34 -16.24
CA ARG A 291 1.20 14.31 -17.08
C ARG A 291 1.94 13.00 -16.97
N ILE A 292 1.21 11.94 -16.65
CA ILE A 292 1.80 10.62 -16.57
C ILE A 292 1.17 9.73 -17.63
N GLY A 293 2.00 9.21 -18.53
CA GLY A 293 1.50 8.44 -19.64
C GLY A 293 1.18 7.02 -19.24
N THR A 294 0.71 6.27 -20.23
CA THR A 294 0.26 4.92 -20.01
C THR A 294 1.38 4.00 -19.54
N GLY A 295 1.04 3.12 -18.62
CA GLY A 295 1.95 2.08 -18.18
C GLY A 295 3.03 2.48 -17.18
N CYS A 296 3.05 3.73 -16.70
CA CYS A 296 4.17 4.14 -15.82
C CYS A 296 4.00 3.64 -14.39
N VAL A 297 5.12 3.32 -13.77
CA VAL A 297 5.14 2.92 -12.37
C VAL A 297 5.99 3.90 -11.60
N LEU A 298 5.41 4.50 -10.57
CA LEU A 298 6.13 5.50 -9.79
C LEU A 298 6.13 5.03 -8.37
N LYS A 299 7.33 4.99 -7.79
CA LYS A 299 7.44 4.57 -6.40
C LYS A 299 8.33 5.52 -5.60
N ASN A 300 7.72 6.24 -4.67
CA ASN A 300 8.48 7.15 -3.80
C ASN A 300 9.22 8.25 -4.59
N CYS A 301 8.43 9.02 -5.34
CA CYS A 301 8.97 10.01 -6.27
C CYS A 301 8.39 11.40 -6.04
N VAL A 302 9.21 12.41 -6.32
CA VAL A 302 8.73 13.78 -6.40
C VAL A 302 8.87 14.27 -7.84
N ILE A 303 7.75 14.72 -8.40
CA ILE A 303 7.75 15.20 -9.79
C ILE A 303 7.29 16.63 -9.77
N GLY A 304 8.11 17.52 -10.33
CA GLY A 304 7.88 18.95 -10.27
C GLY A 304 6.84 19.45 -11.24
N ASP A 305 6.29 20.63 -10.98
CA ASP A 305 5.28 21.26 -11.82
C ASP A 305 5.60 21.10 -13.30
N ASP A 306 4.60 20.69 -14.06
CA ASP A 306 4.64 20.76 -15.52
C ASP A 306 5.48 19.69 -16.20
N SER A 307 6.06 18.78 -15.41
CA SER A 307 6.76 17.64 -15.98
C SER A 307 5.83 16.65 -16.71
N GLU A 308 6.41 15.98 -17.70
CA GLU A 308 5.69 15.01 -18.52
C GLU A 308 6.41 13.66 -18.42
N ILE A 309 5.73 12.63 -17.93
CA ILE A 309 6.31 11.29 -17.91
C ILE A 309 5.66 10.50 -19.04
N SER A 310 6.46 10.14 -20.04
CA SER A 310 5.97 9.48 -21.22
C SER A 310 5.73 8.00 -20.94
N PRO A 311 5.01 7.32 -21.84
CA PRO A 311 4.55 5.95 -21.52
C PRO A 311 5.68 4.99 -21.16
N TYR A 312 5.35 3.98 -20.35
CA TYR A 312 6.25 2.89 -19.98
C TYR A 312 7.58 3.34 -19.40
N THR A 313 7.48 4.19 -18.40
CA THR A 313 8.61 4.70 -17.69
C THR A 313 8.50 4.27 -16.24
N VAL A 314 9.60 3.78 -15.68
CA VAL A 314 9.60 3.33 -14.29
C VAL A 314 10.54 4.22 -13.49
N LEU A 315 10.06 4.66 -12.32
CA LEU A 315 10.79 5.57 -11.45
C LEU A 315 10.65 5.07 -10.05
N GLU A 316 11.76 5.09 -9.32
CA GLU A 316 11.75 4.75 -7.92
C GLU A 316 12.73 5.63 -7.15
N ASP A 317 12.26 6.21 -6.05
CA ASP A 317 13.09 7.13 -5.24
C ASP A 317 13.80 8.16 -6.12
N ALA A 318 13.06 8.74 -7.06
CA ALA A 318 13.60 9.67 -8.03
C ALA A 318 12.97 11.05 -7.90
N ARG A 319 13.71 12.07 -8.33
CA ARG A 319 13.22 13.45 -8.29
C ARG A 319 13.37 14.20 -9.62
N LEU A 320 12.29 14.84 -10.02
CA LEU A 320 12.26 15.72 -11.18
C LEU A 320 11.84 17.09 -10.71
N ASP A 321 12.56 18.11 -11.15
CA ASP A 321 12.15 19.48 -10.89
C ASP A 321 11.08 19.81 -11.93
N ALA A 322 10.72 21.08 -12.06
CA ALA A 322 9.71 21.51 -13.01
C ALA A 322 10.17 21.34 -14.46
N ASN A 323 9.19 21.12 -15.34
CA ASN A 323 9.42 21.11 -16.79
C ASN A 323 10.33 20.01 -17.33
N CYS A 324 10.50 18.93 -16.57
CA CYS A 324 11.33 17.84 -17.03
C CYS A 324 10.52 16.95 -17.97
N THR A 325 11.19 16.17 -18.79
CA THR A 325 10.53 15.15 -19.59
C THR A 325 11.36 13.89 -19.52
N VAL A 326 10.69 12.77 -19.35
CA VAL A 326 11.34 11.50 -19.16
C VAL A 326 10.53 10.40 -19.87
N GLY A 327 11.21 9.54 -20.61
CA GLY A 327 10.53 8.46 -21.31
C GLY A 327 10.37 8.78 -22.79
N PRO A 328 9.68 7.90 -23.53
CA PRO A 328 9.17 6.60 -23.07
C PRO A 328 10.30 5.62 -22.80
N PHE A 329 9.99 4.54 -22.08
CA PHE A 329 10.94 3.44 -21.95
C PHE A 329 12.17 3.86 -21.17
N ALA A 330 11.94 4.63 -20.11
CA ALA A 330 13.03 5.14 -19.30
C ALA A 330 12.97 4.51 -17.91
N ARG A 331 14.11 4.40 -17.28
CA ARG A 331 14.22 3.69 -16.02
C ARG A 331 15.03 4.53 -15.05
N LEU A 332 14.36 5.10 -14.06
CA LEU A 332 15.07 5.93 -13.09
C LEU A 332 15.11 5.20 -11.77
N ARG A 333 16.31 5.08 -11.23
CA ARG A 333 16.51 4.32 -10.01
C ARG A 333 16.80 5.26 -8.88
N PRO A 334 16.82 4.76 -7.64
CA PRO A 334 17.06 5.66 -6.50
C PRO A 334 18.25 6.59 -6.75
N GLY A 335 18.06 7.86 -6.42
CA GLY A 335 19.14 8.82 -6.54
C GLY A 335 19.04 9.56 -7.86
N ALA A 336 18.22 9.06 -8.78
CA ALA A 336 18.06 9.75 -10.05
C ALA A 336 17.43 11.12 -9.82
N GLU A 337 18.10 12.16 -10.33
CA GLU A 337 17.62 13.53 -10.18
C GLU A 337 17.70 14.34 -11.47
N LEU A 338 16.59 14.97 -11.83
CA LEU A 338 16.56 15.85 -12.98
C LEU A 338 16.32 17.28 -12.53
N ALA A 339 17.22 18.16 -12.94
CA ALA A 339 17.08 19.59 -12.71
C ALA A 339 16.04 20.14 -13.68
N GLU A 340 15.66 21.40 -13.46
CA GLU A 340 14.60 22.02 -14.23
C GLU A 340 14.79 21.88 -15.75
N GLY A 341 13.73 21.42 -16.42
CA GLY A 341 13.73 21.26 -17.87
C GLY A 341 14.67 20.20 -18.44
N ALA A 342 15.13 19.29 -17.61
CA ALA A 342 15.98 18.19 -18.07
C ALA A 342 15.15 17.17 -18.87
N HIS A 343 15.82 16.48 -19.79
CA HIS A 343 15.16 15.43 -20.56
C HIS A 343 15.93 14.10 -20.56
N VAL A 344 15.21 13.01 -20.31
CA VAL A 344 15.75 11.65 -20.40
C VAL A 344 14.88 10.92 -21.40
N GLY A 345 15.50 10.24 -22.35
CA GLY A 345 14.77 9.63 -23.46
C GLY A 345 14.58 8.13 -23.32
N ASN A 346 14.38 7.47 -24.46
CA ASN A 346 14.08 6.05 -24.46
C ASN A 346 15.31 5.16 -24.25
N PHE A 347 15.13 4.10 -23.47
CA PHE A 347 16.19 3.12 -23.22
C PHE A 347 17.34 3.79 -22.50
N VAL A 348 16.98 4.62 -21.52
CA VAL A 348 17.96 5.30 -20.69
C VAL A 348 17.73 4.96 -19.22
N GLU A 349 18.79 4.59 -18.51
CA GLU A 349 18.73 4.26 -17.08
C GLU A 349 19.56 5.27 -16.28
N ILE A 350 18.99 5.75 -15.16
CA ILE A 350 19.69 6.71 -14.32
C ILE A 350 19.78 6.19 -12.89
N LYS A 351 20.98 6.11 -12.34
CA LYS A 351 21.18 5.68 -10.96
C LYS A 351 22.09 6.68 -10.23
N LYS A 352 21.74 7.05 -9.00
CA LYS A 352 22.48 8.04 -8.22
C LYS A 352 23.18 9.03 -9.11
N ALA A 353 22.40 9.71 -9.94
CA ALA A 353 22.97 10.69 -10.86
C ALA A 353 22.06 11.90 -10.96
N ARG A 354 22.68 13.06 -11.15
CA ARG A 354 21.93 14.29 -11.38
C ARG A 354 22.23 14.84 -12.76
N LEU A 355 21.18 15.15 -13.49
CA LEU A 355 21.27 15.72 -14.82
C LEU A 355 20.76 17.16 -14.73
N GLY A 356 21.68 18.11 -14.84
CA GLY A 356 21.41 19.52 -14.57
C GLY A 356 20.46 20.28 -15.50
N LYS A 357 20.32 21.58 -15.25
CA LYS A 357 19.30 22.36 -15.95
C LYS A 357 19.34 22.24 -17.48
N GLY A 358 18.24 21.73 -18.03
CA GLY A 358 18.09 21.66 -19.47
C GLY A 358 19.06 20.72 -20.16
N SER A 359 19.66 19.82 -19.40
CA SER A 359 20.50 18.78 -19.94
C SER A 359 19.67 17.65 -20.55
N LYS A 360 20.26 16.97 -21.53
CA LYS A 360 19.57 15.93 -22.29
C LYS A 360 20.32 14.61 -22.30
N ALA A 361 19.61 13.52 -21.99
CA ALA A 361 20.12 12.18 -22.26
C ALA A 361 19.04 11.39 -23.01
N GLY A 362 19.12 11.42 -24.34
CA GLY A 362 18.04 11.04 -25.21
C GLY A 362 17.83 9.57 -25.57
N HIS A 363 18.89 8.78 -25.59
CA HIS A 363 18.79 7.40 -26.09
C HIS A 363 19.85 6.46 -25.56
N LEU A 364 19.46 5.22 -25.27
CA LEU A 364 20.41 4.12 -25.14
C LEU A 364 21.62 4.42 -24.22
N SER A 365 21.38 5.11 -23.12
CA SER A 365 22.46 5.46 -22.20
C SER A 365 22.25 4.92 -20.78
N TYR A 366 23.36 4.71 -20.08
CA TYR A 366 23.33 4.40 -18.67
C TYR A 366 24.16 5.43 -17.91
N LEU A 367 23.52 6.11 -16.96
CA LEU A 367 24.21 7.08 -16.11
C LEU A 367 24.03 6.76 -14.63
N GLY A 368 25.11 6.37 -13.97
CA GLY A 368 25.11 6.13 -12.53
C GLY A 368 26.22 6.90 -11.84
N ASP A 369 25.99 7.28 -10.58
CA ASP A 369 27.05 7.88 -9.76
C ASP A 369 27.70 9.05 -10.50
N ALA A 370 26.85 9.90 -11.07
CA ALA A 370 27.28 10.97 -11.96
C ALA A 370 26.73 12.32 -11.50
N GLU A 371 27.57 13.35 -11.58
CA GLU A 371 27.11 14.72 -11.37
C GLU A 371 27.29 15.45 -12.69
N ILE A 372 26.18 15.72 -13.35
CA ILE A 372 26.20 16.34 -14.68
C ILE A 372 25.55 17.72 -14.61
N GLY A 373 26.20 18.69 -15.22
CA GLY A 373 25.77 20.07 -15.14
C GLY A 373 24.68 20.49 -16.10
N ALA A 374 24.61 21.79 -16.34
CA ALA A 374 23.54 22.38 -17.12
C ALA A 374 23.91 22.49 -18.60
N GLY A 375 22.94 22.27 -19.47
CA GLY A 375 23.13 22.44 -20.90
C GLY A 375 24.01 21.38 -21.54
N VAL A 376 24.07 20.22 -20.90
CA VAL A 376 24.94 19.13 -21.33
C VAL A 376 24.19 18.25 -22.31
N ASN A 377 24.88 17.83 -23.37
CA ASN A 377 24.30 16.87 -24.30
C ASN A 377 24.94 15.49 -24.19
N ILE A 378 24.19 14.54 -23.68
CA ILE A 378 24.70 13.18 -23.56
C ILE A 378 24.25 12.43 -24.80
N GLY A 379 25.19 12.18 -25.71
CA GLY A 379 24.87 11.50 -26.95
C GLY A 379 24.30 10.12 -26.74
N ALA A 380 23.62 9.62 -27.76
CA ALA A 380 23.13 8.25 -27.77
C ALA A 380 24.24 7.23 -27.46
N GLY A 381 23.97 6.31 -26.55
CA GLY A 381 24.87 5.21 -26.30
C GLY A 381 25.99 5.52 -25.33
N THR A 382 25.84 6.59 -24.58
CA THR A 382 26.85 6.95 -23.60
C THR A 382 26.67 6.13 -22.33
N ILE A 383 27.78 5.64 -21.80
CA ILE A 383 27.80 4.79 -20.62
C ILE A 383 28.79 5.34 -19.64
N THR A 384 28.36 5.50 -18.38
CA THR A 384 29.29 5.71 -17.30
C THR A 384 29.81 4.34 -16.92
N CYS A 385 31.08 4.07 -17.24
CA CYS A 385 31.71 2.80 -16.91
C CYS A 385 32.30 3.00 -15.51
N ASN A 386 31.50 2.70 -14.52
CA ASN A 386 31.70 3.15 -13.14
C ASN A 386 31.81 2.00 -12.14
N TYR A 387 32.15 0.83 -12.63
CA TYR A 387 32.17 -0.37 -11.80
C TYR A 387 33.41 -1.21 -12.11
N ASP A 388 34.15 -1.59 -11.07
CA ASP A 388 35.47 -2.20 -11.25
C ASP A 388 35.67 -3.50 -10.47
N ASN A 391 33.79 -1.05 -4.79
CA ASN A 391 32.66 -0.11 -4.76
C ASN A 391 32.46 0.56 -6.11
N LYS A 392 31.95 1.79 -6.09
CA LYS A 392 31.69 2.51 -7.32
C LYS A 392 32.25 3.93 -7.29
N PHE A 393 32.60 4.46 -8.46
CA PHE A 393 33.29 5.75 -8.58
C PHE A 393 32.50 6.84 -9.31
N LYS A 394 32.86 8.10 -9.03
CA LYS A 394 32.09 9.27 -9.46
C LYS A 394 32.54 9.85 -10.81
N THR A 395 31.57 10.11 -11.68
CA THR A 395 31.80 10.85 -12.92
C THR A 395 31.20 12.25 -12.81
N ILE A 396 31.96 13.25 -13.24
CA ILE A 396 31.51 14.63 -13.16
C ILE A 396 31.65 15.39 -14.47
N ILE A 397 30.58 16.07 -14.87
CA ILE A 397 30.54 16.80 -16.13
C ILE A 397 29.97 18.20 -15.94
N GLY A 398 30.71 19.21 -16.37
CA GLY A 398 30.27 20.59 -16.18
C GLY A 398 29.20 21.06 -17.16
N ASP A 399 28.99 22.37 -17.23
CA ASP A 399 28.03 22.93 -18.14
C ASP A 399 28.49 22.90 -19.61
N ASP A 400 27.53 22.92 -20.53
CA ASP A 400 27.80 23.12 -21.97
C ASP A 400 28.72 22.07 -22.61
N VAL A 401 28.79 20.92 -21.96
CA VAL A 401 29.62 19.84 -22.46
C VAL A 401 28.88 19.10 -23.55
N PHE A 402 29.59 18.73 -24.60
CA PHE A 402 29.01 17.84 -25.59
C PHE A 402 29.69 16.48 -25.56
N VAL A 403 28.90 15.46 -25.27
CA VAL A 403 29.37 14.07 -25.23
C VAL A 403 28.85 13.29 -26.43
N GLY A 404 29.76 12.97 -27.36
CA GLY A 404 29.41 12.24 -28.57
C GLY A 404 28.78 10.90 -28.27
N SER A 405 28.19 10.28 -29.28
CA SER A 405 27.49 9.00 -29.07
C SER A 405 28.45 7.86 -28.79
N ASP A 406 28.01 6.88 -28.01
CA ASP A 406 28.80 5.67 -27.74
C ASP A 406 30.17 6.00 -27.12
N THR A 407 30.14 6.92 -26.16
CA THR A 407 31.31 7.28 -25.39
C THR A 407 31.26 6.45 -24.12
N GLN A 408 32.38 5.92 -23.70
CA GLN A 408 32.43 5.33 -22.37
C GLN A 408 33.23 6.25 -21.46
N LEU A 409 32.57 6.72 -20.41
CA LEU A 409 33.19 7.56 -19.40
C LEU A 409 33.63 6.64 -18.29
N VAL A 410 34.94 6.51 -18.13
CA VAL A 410 35.51 5.59 -17.16
C VAL A 410 35.86 6.39 -15.91
N ALA A 411 35.05 6.21 -14.87
CA ALA A 411 35.19 6.99 -13.65
C ALA A 411 36.30 6.41 -12.78
N PRO A 412 36.89 7.23 -11.89
CA PRO A 412 36.67 8.67 -11.70
C PRO A 412 37.27 9.48 -12.83
N VAL A 413 36.45 10.38 -13.36
CA VAL A 413 36.89 11.21 -14.46
C VAL A 413 36.09 12.51 -14.38
N THR A 414 36.72 13.60 -14.80
CA THR A 414 36.05 14.89 -14.75
C THR A 414 36.17 15.54 -16.12
N VAL A 415 35.04 16.00 -16.65
CA VAL A 415 35.03 16.74 -17.90
C VAL A 415 34.56 18.16 -17.65
N ALA A 416 35.50 19.11 -17.75
CA ALA A 416 35.19 20.51 -17.44
C ALA A 416 34.24 21.16 -18.43
N ASN A 417 33.84 22.40 -18.12
CA ASN A 417 32.86 23.12 -18.93
C ASN A 417 33.28 23.28 -20.39
N GLY A 418 32.28 23.35 -21.27
CA GLY A 418 32.50 23.64 -22.66
C GLY A 418 33.31 22.59 -23.41
N ALA A 419 33.69 21.50 -22.74
CA ALA A 419 34.46 20.47 -23.42
C ALA A 419 33.58 19.72 -24.41
N THR A 420 34.22 19.12 -25.40
CA THR A 420 33.52 18.33 -26.39
C THR A 420 34.20 16.98 -26.49
N ILE A 421 33.41 15.92 -26.64
CA ILE A 421 33.96 14.56 -26.75
C ILE A 421 33.46 13.87 -28.01
N GLY A 422 34.39 13.50 -28.88
CA GLY A 422 34.06 12.85 -30.13
C GLY A 422 33.37 11.52 -29.90
N ALA A 423 32.65 11.05 -30.91
CA ALA A 423 31.89 9.82 -30.81
C ALA A 423 32.84 8.64 -30.62
N GLY A 424 32.37 7.61 -29.93
CA GLY A 424 33.13 6.38 -29.73
C GLY A 424 34.41 6.55 -28.94
N THR A 425 34.43 7.55 -28.06
CA THR A 425 35.62 7.84 -27.28
C THR A 425 35.58 7.16 -25.92
N THR A 426 36.70 6.58 -25.51
CA THR A 426 36.84 6.11 -24.12
C THR A 426 37.50 7.22 -23.32
N VAL A 427 36.91 7.57 -22.19
CA VAL A 427 37.51 8.63 -21.38
C VAL A 427 37.94 8.12 -20.02
N THR A 428 39.27 8.08 -19.84
CA THR A 428 39.90 7.64 -18.60
C THR A 428 40.52 8.83 -17.88
N ARG A 429 40.96 9.82 -18.64
CA ARG A 429 41.58 10.99 -18.05
C ARG A 429 40.65 12.19 -18.07
N ASP A 430 40.90 13.14 -17.17
CA ASP A 430 40.12 14.36 -17.08
C ASP A 430 40.18 15.19 -18.36
N VAL A 431 39.14 15.98 -18.59
CA VAL A 431 39.05 16.83 -19.76
C VAL A 431 38.91 18.29 -19.36
N ALA A 432 39.65 19.16 -20.05
CA ALA A 432 39.77 20.55 -19.67
C ALA A 432 38.73 21.42 -20.35
N GLU A 433 38.45 22.58 -19.76
CA GLU A 433 37.50 23.53 -20.31
C GLU A 433 37.70 23.70 -21.82
N ASN A 434 36.60 23.57 -22.57
CA ASN A 434 36.61 23.84 -24.01
C ASN A 434 37.60 23.01 -24.82
N GLU A 435 38.12 21.95 -24.21
CA GLU A 435 39.03 21.06 -24.91
C GLU A 435 38.22 20.04 -25.69
N LEU A 436 38.61 19.78 -26.92
CA LEU A 436 38.06 18.66 -27.66
C LEU A 436 38.93 17.41 -27.48
N VAL A 437 38.30 16.26 -27.41
CA VAL A 437 38.97 14.98 -27.29
C VAL A 437 38.34 14.00 -28.26
N ILE A 438 39.14 13.41 -29.13
CA ILE A 438 38.63 12.40 -30.05
C ILE A 438 39.53 11.18 -30.01
N SER A 439 38.97 10.08 -29.50
CA SER A 439 39.65 8.80 -29.39
C SER A 439 39.90 8.24 -30.79
N ARG A 440 40.66 8.94 -31.61
CA ARG A 440 40.61 8.65 -33.04
C ARG A 440 41.66 7.68 -33.60
N VAL A 441 41.16 6.58 -34.17
CA VAL A 441 41.97 5.55 -34.81
C VAL A 441 41.95 5.76 -36.33
N LYS A 442 42.25 4.71 -37.07
CA LYS A 442 42.17 4.75 -38.53
C LYS A 442 41.42 3.54 -39.11
N GLN A 443 40.26 3.83 -39.71
CA GLN A 443 39.45 2.82 -40.39
C GLN A 443 40.24 2.26 -41.59
N VAL A 444 40.27 0.92 -41.70
CA VAL A 444 41.11 0.22 -42.66
C VAL A 444 40.34 -0.56 -43.74
N HIS A 445 40.79 -0.45 -44.98
CA HIS A 445 39.97 -0.73 -46.16
C HIS A 445 40.40 -1.90 -47.04
N ILE A 446 39.50 -2.87 -47.21
CA ILE A 446 39.69 -3.96 -48.16
C ILE A 446 38.70 -3.81 -49.31
N GLN A 447 39.21 -3.86 -50.53
CA GLN A 447 38.36 -3.65 -51.70
C GLN A 447 37.74 -4.94 -52.20
N GLY A 448 36.51 -4.83 -52.68
CA GLY A 448 35.79 -6.00 -53.15
C GLY A 448 35.91 -7.13 -52.17
N TRP A 449 35.27 -6.96 -51.01
CA TRP A 449 35.31 -7.99 -49.99
C TRP A 449 34.08 -8.87 -50.11
N LYS A 450 34.29 -10.18 -50.15
CA LYS A 450 33.21 -11.14 -50.23
C LYS A 450 32.64 -11.46 -48.85
N ARG A 451 31.46 -10.89 -48.53
CA ARG A 451 30.75 -11.10 -47.28
C ARG A 451 30.23 -12.53 -47.19
N PRO A 452 30.61 -13.27 -46.11
CA PRO A 452 30.25 -14.67 -45.87
C PRO A 452 28.82 -15.02 -46.29
#